data_6TEW
#
_entry.id   6TEW
#
_cell.length_a   46.108
_cell.length_b   47.380
_cell.length_c   50.270
_cell.angle_alpha   113.549
_cell.angle_beta   90.285
_cell.angle_gamma   91.185
#
_symmetry.space_group_name_H-M   'P 1'
#
loop_
_entity.id
_entity.type
_entity.pdbx_description
1 polymer "Casein kinase II subunit alpha'"
2 non-polymer '4-[(4-naphthalen-2-yl-1,3-thiazol-2-yl)amino]-2-oxidanyl-benzoic acid'
3 non-polymer 1,2-ETHANEDIOL
4 water water
#
_entity_poly.entity_id   1
_entity_poly.type   'polypeptide(L)'
_entity_poly.pdbx_seq_one_letter_code
;MGSSHHHHHHSQDPMPGPAAGSRARVYAEVNSLRSREYWDYEAHVPSWGNQDDYQLVRKLGRGKYSEVFEAINITNNERV
VVKILKPVKKKKIKREVKILENLRGGTNIIKLIDTVKDPVSKTPALVFEYINNTDFKQLYQILTDFDIRFYMYELLKALD
YCHSKGIMHRDVKPHNVMIDHQQKKLRLIDWGLAEFYHPAQEYNVRVASRYFKGPELLVDYQMYDYSLDMWSLGCMLASM
IFRREPFFHGQDNYDQLVRIAKVLGTEELYGYLKKYHIDLDPHFNDILGQHSRKRWENFIHSENRHLVSPEALDLLDKLL
RYDHQQRLTAKEAMEHPYFYPVVKEQSQPSADNAVLSSGLTAAR
;
_entity_poly.pdbx_strand_id   A
#
# COMPACT_ATOMS: atom_id res chain seq x y z
N SER A 22 -10.16 10.11 -13.01
CA SER A 22 -9.77 11.00 -14.12
C SER A 22 -8.55 11.90 -13.74
N ARG A 23 -8.64 12.58 -12.59
CA ARG A 23 -7.52 13.31 -12.01
C ARG A 23 -7.62 13.27 -10.49
N ALA A 24 -6.46 13.13 -9.83
CA ALA A 24 -6.41 13.12 -8.38
C ALA A 24 -6.99 14.40 -7.81
N ARG A 25 -7.71 14.28 -6.70
CA ARG A 25 -8.17 15.46 -5.96
C ARG A 25 -7.07 16.19 -5.19
N VAL A 26 -5.96 15.54 -4.88
CA VAL A 26 -4.90 16.19 -4.16
C VAL A 26 -3.60 15.86 -4.85
N TYR A 27 -2.60 16.78 -4.71
CA TYR A 27 -1.24 16.48 -5.13
C TYR A 27 -1.20 16.15 -6.60
N ALA A 28 -2.19 16.63 -7.35
CA ALA A 28 -2.35 16.16 -8.71
C ALA A 28 -1.20 16.62 -9.58
N GLU A 29 -0.80 17.86 -9.43
CA GLU A 29 0.20 18.48 -10.28
C GLU A 29 1.58 18.52 -9.62
N VAL A 30 1.76 17.87 -8.51
CA VAL A 30 2.94 18.13 -7.71
C VAL A 30 4.22 17.78 -8.46
N ASN A 31 4.22 16.71 -9.28
CA ASN A 31 5.45 16.38 -9.96
C ASN A 31 5.74 17.36 -11.07
N SER A 32 4.69 17.90 -11.72
CA SER A 32 4.92 18.89 -12.74
C SER A 32 5.48 20.17 -12.16
N LEU A 33 5.26 20.43 -10.87
CA LEU A 33 5.79 21.60 -10.21
C LEU A 33 7.21 21.41 -9.72
N ARG A 34 7.76 20.23 -9.82
CA ARG A 34 9.12 19.97 -9.40
C ARG A 34 10.05 19.89 -10.62
N SER A 35 11.36 19.93 -10.38
CA SER A 35 12.32 19.71 -11.45
C SER A 35 12.08 18.38 -12.11
N ARG A 36 12.31 18.30 -13.44
CA ARG A 36 12.13 17.04 -14.13
C ARG A 36 12.98 15.94 -13.51
N GLU A 37 14.17 16.28 -13.03
CA GLU A 37 15.05 15.30 -12.43
C GLU A 37 14.38 14.55 -11.30
N TYR A 38 13.43 15.20 -10.65
CA TYR A 38 12.74 14.56 -9.52
C TYR A 38 12.03 13.30 -9.93
N TRP A 39 11.32 13.33 -11.08
CA TRP A 39 10.47 12.24 -11.51
C TRP A 39 11.01 11.45 -12.71
N ASP A 40 12.04 11.95 -13.38
CA ASP A 40 12.56 11.31 -14.57
C ASP A 40 13.59 10.25 -14.17
N TYR A 41 13.07 9.18 -13.60
CA TYR A 41 13.94 8.18 -13.00
C TYR A 41 14.80 7.46 -14.01
N GLU A 42 14.38 7.41 -15.27
CA GLU A 42 15.24 6.78 -16.29
C GLU A 42 16.57 7.51 -16.43
N ALA A 43 16.60 8.78 -16.06
CA ALA A 43 17.82 9.58 -16.13
C ALA A 43 18.61 9.56 -14.83
N HIS A 44 18.12 8.85 -13.82
CA HIS A 44 18.76 8.85 -12.52
C HIS A 44 20.00 7.96 -12.55
N VAL A 45 21.07 8.42 -11.94
CA VAL A 45 22.32 7.68 -11.87
C VAL A 45 22.62 7.45 -10.40
N PRO A 46 22.29 6.29 -9.87
CA PRO A 46 22.60 6.01 -8.47
C PRO A 46 24.09 5.95 -8.23
N SER A 47 24.47 6.20 -6.97
CA SER A 47 25.83 5.98 -6.50
C SER A 47 25.87 4.61 -5.84
N TRP A 48 26.55 3.67 -6.46
CA TRP A 48 26.55 2.29 -6.00
C TRP A 48 27.76 2.05 -5.11
N GLY A 49 27.53 1.87 -3.80
CA GLY A 49 28.56 1.49 -2.86
C GLY A 49 28.91 0.02 -2.95
N ASN A 50 29.70 -0.44 -1.96
CA ASN A 50 30.27 -1.79 -1.99
C ASN A 50 29.47 -2.73 -1.08
N GLN A 51 28.90 -3.78 -1.67
CA GLN A 51 28.11 -4.74 -0.89
C GLN A 51 28.98 -5.54 0.05
N ASP A 52 30.29 -5.59 -0.18
CA ASP A 52 31.17 -6.35 0.71
C ASP A 52 31.20 -5.80 2.12
N ASP A 53 30.63 -4.61 2.36
CA ASP A 53 30.50 -4.10 3.71
C ASP A 53 29.42 -4.79 4.49
N TYR A 54 28.67 -5.70 3.88
CA TYR A 54 27.52 -6.31 4.53
C TYR A 54 27.67 -7.82 4.58
N GLN A 55 27.47 -8.36 5.75
CA GLN A 55 27.44 -9.80 5.96
C GLN A 55 26.00 -10.27 6.06
N LEU A 56 25.60 -11.16 5.16
CA LEU A 56 24.26 -11.74 5.17
C LEU A 56 24.14 -12.81 6.26
N VAL A 57 23.12 -12.64 7.10
CA VAL A 57 22.90 -13.49 8.25
C VAL A 57 21.81 -14.52 8.04
N ARG A 58 20.70 -14.14 7.42
CA ARG A 58 19.60 -15.08 7.23
C ARG A 58 18.69 -14.55 6.12
N LYS A 59 18.13 -15.47 5.35
CA LYS A 59 17.17 -15.06 4.34
C LYS A 59 15.84 -14.81 5.00
N LEU A 60 15.22 -13.69 4.70
CA LEU A 60 13.91 -13.35 5.23
C LEU A 60 12.79 -13.64 4.26
N GLY A 61 13.05 -13.66 2.96
CA GLY A 61 12.01 -13.92 1.98
C GLY A 61 12.49 -13.67 0.57
N ARG A 62 11.58 -13.89 -0.37
CA ARG A 62 11.92 -13.81 -1.78
C ARG A 62 10.71 -13.29 -2.54
N GLY A 63 10.98 -12.53 -3.59
CA GLY A 63 9.94 -12.03 -4.46
C GLY A 63 10.21 -12.42 -5.89
N LYS A 64 9.33 -11.93 -6.78
CA LYS A 64 9.51 -12.17 -8.20
C LYS A 64 10.86 -11.70 -8.68
N TYR A 65 11.30 -10.53 -8.21
CA TYR A 65 12.52 -9.94 -8.73
C TYR A 65 13.49 -9.54 -7.61
N SER A 66 13.39 -10.17 -6.44
CA SER A 66 14.31 -9.83 -5.36
C SER A 66 14.33 -10.92 -4.31
N GLU A 67 15.36 -10.89 -3.52
CA GLU A 67 15.45 -11.64 -2.30
C GLU A 67 15.95 -10.72 -1.19
N VAL A 68 15.46 -10.98 0.00
CA VAL A 68 15.69 -10.11 1.14
C VAL A 68 16.38 -10.88 2.24
N PHE A 69 17.43 -10.29 2.80
CA PHE A 69 18.25 -10.89 3.84
C PHE A 69 18.40 -9.94 5.01
N GLU A 70 18.38 -10.49 6.22
CA GLU A 70 18.93 -9.81 7.36
C GLU A 70 20.44 -9.85 7.25
N ALA A 71 21.08 -8.74 7.62
CA ALA A 71 22.52 -8.58 7.41
C ALA A 71 23.08 -7.71 8.54
N ILE A 72 24.41 -7.71 8.60
CA ILE A 72 25.15 -6.83 9.49
C ILE A 72 26.11 -5.99 8.63
N ASN A 73 26.13 -4.69 8.87
CA ASN A 73 27.13 -3.81 8.28
C ASN A 73 28.38 -4.02 9.12
N ILE A 74 29.40 -4.62 8.50
CA ILE A 74 30.59 -4.99 9.26
C ILE A 74 31.42 -3.80 9.67
N THR A 75 31.17 -2.62 9.09
CA THR A 75 31.94 -1.45 9.44
C THR A 75 31.45 -0.79 10.72
N ASN A 76 30.17 -0.97 11.09
CA ASN A 76 29.61 -0.33 12.26
C ASN A 76 28.73 -1.25 13.09
N ASN A 77 28.66 -2.51 12.72
CA ASN A 77 27.92 -3.55 13.45
C ASN A 77 26.42 -3.29 13.48
N GLU A 78 25.89 -2.49 12.56
CA GLU A 78 24.46 -2.24 12.48
C GLU A 78 23.75 -3.38 11.77
N ARG A 79 22.61 -3.78 12.35
CA ARG A 79 21.73 -4.74 11.72
C ARG A 79 20.87 -4.01 10.69
N VAL A 80 20.77 -4.61 9.50
CA VAL A 80 20.10 -4.00 8.38
C VAL A 80 19.40 -5.11 7.59
N VAL A 81 18.68 -4.72 6.54
CA VAL A 81 18.08 -5.64 5.59
C VAL A 81 18.66 -5.33 4.22
N VAL A 82 19.11 -6.36 3.51
CA VAL A 82 19.66 -6.23 2.19
C VAL A 82 18.70 -6.89 1.22
N LYS A 83 18.22 -6.13 0.26
CA LYS A 83 17.36 -6.63 -0.81
C LYS A 83 18.18 -6.73 -2.10
N ILE A 84 18.47 -7.94 -2.53
CA ILE A 84 19.27 -8.22 -3.71
C ILE A 84 18.32 -8.26 -4.91
N LEU A 85 18.60 -7.44 -5.91
CA LEU A 85 17.68 -7.24 -7.03
C LEU A 85 18.13 -8.09 -8.21
N LYS A 86 17.20 -8.79 -8.81
CA LYS A 86 17.47 -9.53 -10.04
C LYS A 86 17.67 -8.50 -11.15
N PRO A 87 18.94 -8.25 -11.59
CA PRO A 87 19.28 -6.99 -12.27
C PRO A 87 18.85 -6.79 -13.71
N VAL A 88 17.90 -7.59 -14.20
CA VAL A 88 17.52 -7.54 -15.61
C VAL A 88 16.45 -6.46 -15.84
N LYS A 89 16.34 -5.50 -14.94
CA LYS A 89 15.22 -4.58 -14.96
C LYS A 89 15.71 -3.16 -14.73
N LYS A 90 16.61 -2.66 -15.59
CA LYS A 90 17.38 -1.48 -15.23
C LYS A 90 16.47 -0.30 -14.92
N LYS A 91 15.47 -0.08 -15.76
CA LYS A 91 14.57 1.04 -15.56
C LYS A 91 13.79 0.87 -14.28
N LYS A 92 13.39 -0.36 -13.95
CA LYS A 92 12.63 -0.61 -12.74
C LYS A 92 13.52 -0.43 -11.51
N ILE A 93 14.80 -0.72 -11.63
CA ILE A 93 15.73 -0.51 -10.53
C ILE A 93 15.88 0.97 -10.27
N LYS A 94 16.10 1.75 -11.34
CA LYS A 94 16.26 3.17 -11.20
C LYS A 94 15.00 3.76 -10.60
N ARG A 95 13.82 3.25 -11.00
CA ARG A 95 12.58 3.76 -10.46
C ARG A 95 12.52 3.60 -8.95
N GLU A 96 12.75 2.39 -8.46
CA GLU A 96 12.65 2.13 -7.03
C GLU A 96 13.71 2.95 -6.27
N VAL A 97 14.93 3.02 -6.79
CA VAL A 97 15.95 3.80 -6.12
C VAL A 97 15.56 5.27 -6.05
N LYS A 98 15.11 5.84 -7.16
CA LYS A 98 14.78 7.26 -7.18
C LYS A 98 13.61 7.56 -6.26
N ILE A 99 12.60 6.70 -6.26
CA ILE A 99 11.47 6.87 -5.38
C ILE A 99 11.92 6.83 -3.90
N LEU A 100 12.73 5.86 -3.55
CA LEU A 100 13.20 5.78 -2.16
C LEU A 100 14.01 6.99 -1.77
N GLU A 101 14.88 7.48 -2.68
CA GLU A 101 15.63 8.69 -2.38
C GLU A 101 14.70 9.88 -2.18
N ASN A 102 13.70 10.03 -3.02
CA ASN A 102 12.79 11.13 -2.88
C ASN A 102 11.97 11.06 -1.60
N LEU A 103 11.74 9.88 -1.09
CA LEU A 103 10.98 9.67 0.13
C LEU A 103 11.82 9.66 1.39
N ARG A 104 13.13 9.84 1.29
CA ARG A 104 13.96 9.69 2.47
C ARG A 104 13.55 10.69 3.56
N GLY A 105 13.51 10.22 4.78
CA GLY A 105 12.99 11.02 5.85
C GLY A 105 11.49 10.98 6.01
N GLY A 106 10.76 10.38 5.07
CA GLY A 106 9.33 10.33 5.16
C GLY A 106 8.86 9.49 6.33
N THR A 107 7.80 9.98 6.95
CA THR A 107 7.24 9.37 8.15
C THR A 107 6.75 7.96 7.91
N ASN A 108 7.40 6.99 8.55
CA ASN A 108 6.98 5.62 8.52
C ASN A 108 7.21 4.96 7.17
N ILE A 109 8.07 5.54 6.35
CA ILE A 109 8.53 4.91 5.14
C ILE A 109 9.85 4.24 5.41
N ILE A 110 10.01 3.02 4.95
CA ILE A 110 11.23 2.27 5.24
C ILE A 110 12.41 3.13 4.79
N LYS A 111 13.45 3.22 5.62
CA LYS A 111 14.61 4.06 5.35
C LYS A 111 15.61 3.28 4.49
N LEU A 112 15.92 3.82 3.32
CA LEU A 112 16.97 3.36 2.45
C LEU A 112 18.27 3.90 3.01
N ILE A 113 19.12 3.02 3.52
CA ILE A 113 20.42 3.36 4.07
C ILE A 113 21.49 3.43 2.99
N ASP A 114 21.45 2.53 1.99
CA ASP A 114 22.50 2.52 1.01
C ASP A 114 22.01 1.82 -0.25
N THR A 115 22.66 2.14 -1.37
CA THR A 115 22.50 1.44 -2.63
C THR A 115 23.87 0.89 -2.95
N VAL A 116 23.97 -0.42 -3.10
CA VAL A 116 25.26 -1.10 -3.25
C VAL A 116 25.25 -2.12 -4.38
N LYS A 117 26.44 -2.47 -4.82
CA LYS A 117 26.63 -3.51 -5.79
C LYS A 117 27.75 -4.41 -5.30
N ASP A 118 27.63 -5.68 -5.61
CA ASP A 118 28.80 -6.54 -5.58
C ASP A 118 29.86 -5.90 -6.47
N PRO A 119 31.06 -5.61 -5.97
CA PRO A 119 32.05 -4.86 -6.77
C PRO A 119 32.61 -5.63 -7.98
N VAL A 120 32.36 -6.95 -8.06
CA VAL A 120 32.77 -7.75 -9.20
C VAL A 120 31.63 -8.02 -10.18
N SER A 121 30.54 -8.63 -9.68
CA SER A 121 29.40 -8.96 -10.53
C SER A 121 28.50 -7.76 -10.84
N LYS A 122 28.56 -6.73 -10.02
CA LYS A 122 27.74 -5.56 -10.20
C LYS A 122 26.24 -5.79 -9.99
N THR A 123 25.82 -6.93 -9.42
CA THR A 123 24.43 -7.09 -9.06
C THR A 123 24.06 -6.04 -8.03
N PRO A 124 22.99 -5.29 -8.24
CA PRO A 124 22.62 -4.23 -7.30
C PRO A 124 21.77 -4.75 -6.16
N ALA A 125 21.89 -4.05 -5.05
CA ALA A 125 21.14 -4.36 -3.86
C ALA A 125 20.78 -3.07 -3.14
N LEU A 126 19.68 -3.09 -2.40
CA LEU A 126 19.27 -1.97 -1.61
C LEU A 126 19.39 -2.34 -0.15
N VAL A 127 19.88 -1.40 0.67
CA VAL A 127 20.11 -1.66 2.09
C VAL A 127 19.13 -0.80 2.86
N PHE A 128 18.31 -1.43 3.71
CA PHE A 128 17.31 -0.76 4.51
C PHE A 128 17.53 -0.94 6.01
N GLU A 129 16.98 0.00 6.76
CA GLU A 129 16.88 -0.18 8.18
C GLU A 129 16.19 -1.51 8.50
N TYR A 130 16.59 -2.08 9.62
CA TYR A 130 16.02 -3.32 10.13
C TYR A 130 14.79 -3.00 10.96
N ILE A 131 13.72 -3.78 10.78
CA ILE A 131 12.57 -3.77 11.67
C ILE A 131 12.27 -5.18 12.11
N ASN A 132 12.10 -5.37 13.40
CA ASN A 132 11.83 -6.70 13.97
C ASN A 132 10.33 -6.87 13.95
N ASN A 133 9.84 -7.47 12.85
N ASN A 133 9.79 -7.26 12.80
CA ASN A 133 8.42 -7.51 12.50
CA ASN A 133 8.35 -7.23 12.65
C ASN A 133 7.67 -8.65 13.16
C ASN A 133 7.71 -8.48 13.21
N THR A 134 6.45 -8.34 13.57
N THR A 134 6.48 -8.34 13.67
CA THR A 134 5.49 -9.31 14.07
CA THR A 134 5.65 -9.45 14.07
C THR A 134 4.66 -9.78 12.88
C THR A 134 4.72 -9.81 12.92
N ASP A 135 4.68 -11.09 12.59
CA ASP A 135 3.98 -11.56 11.42
C ASP A 135 2.51 -11.16 11.50
N PHE A 136 1.98 -10.63 10.39
CA PHE A 136 0.66 -10.04 10.44
C PHE A 136 -0.41 -11.06 10.78
N LYS A 137 -0.21 -12.32 10.39
CA LYS A 137 -1.23 -13.32 10.71
C LYS A 137 -1.35 -13.53 12.22
N GLN A 138 -0.23 -13.50 12.93
CA GLN A 138 -0.30 -13.55 14.39
C GLN A 138 -0.79 -12.22 14.97
N LEU A 139 -0.27 -11.12 14.44
CA LEU A 139 -0.58 -9.82 15.02
C LEU A 139 -2.05 -9.51 14.93
N TYR A 140 -2.64 -9.69 13.74
CA TYR A 140 -4.02 -9.21 13.55
C TYR A 140 -4.98 -9.94 14.48
N GLN A 141 -4.56 -11.06 15.03
CA GLN A 141 -5.45 -11.78 15.93
C GLN A 141 -5.48 -11.20 17.32
N ILE A 142 -4.54 -10.34 17.68
CA ILE A 142 -4.43 -9.83 19.05
C ILE A 142 -4.55 -8.32 19.14
N LEU A 143 -4.82 -7.64 18.05
CA LEU A 143 -4.91 -6.20 18.08
C LEU A 143 -6.12 -5.78 18.90
N THR A 144 -5.96 -4.72 19.68
CA THR A 144 -7.06 -4.03 20.34
C THR A 144 -7.60 -2.89 19.45
N ASP A 145 -8.73 -2.33 19.88
CA ASP A 145 -9.30 -1.19 19.17
C ASP A 145 -8.27 -0.08 19.04
N PHE A 146 -7.67 0.33 20.16
CA PHE A 146 -6.68 1.39 20.07
C PHE A 146 -5.53 1.00 19.17
N ASP A 147 -5.08 -0.25 19.23
CA ASP A 147 -3.97 -0.66 18.37
C ASP A 147 -4.28 -0.44 16.91
N ILE A 148 -5.49 -0.80 16.48
CA ILE A 148 -5.83 -0.63 15.08
C ILE A 148 -5.85 0.82 14.69
N ARG A 149 -6.45 1.64 15.53
CA ARG A 149 -6.46 3.06 15.28
C ARG A 149 -5.04 3.59 15.14
N PHE A 150 -4.18 3.20 16.09
CA PHE A 150 -2.81 3.68 16.11
C PHE A 150 -2.09 3.27 14.83
N TYR A 151 -2.11 1.99 14.50
CA TYR A 151 -1.36 1.50 13.33
C TYR A 151 -1.91 2.05 12.03
N MET A 152 -3.22 2.15 11.93
CA MET A 152 -3.79 2.75 10.75
C MET A 152 -3.41 4.23 10.60
N TYR A 153 -3.41 4.96 11.70
CA TYR A 153 -2.95 6.34 11.66
C TYR A 153 -1.51 6.45 11.20
N GLU A 154 -0.66 5.61 11.74
CA GLU A 154 0.75 5.62 11.34
C GLU A 154 0.94 5.25 9.86
N LEU A 155 0.22 4.26 9.36
CA LEU A 155 0.26 3.95 7.97
C LEU A 155 -0.25 5.08 7.10
N LEU A 156 -1.31 5.74 7.53
CA LEU A 156 -1.81 6.88 6.80
C LEU A 156 -0.76 7.98 6.67
N LYS A 157 0.03 8.19 7.73
CA LYS A 157 1.08 9.20 7.64
C LYS A 157 2.03 8.85 6.51
N ALA A 158 2.37 7.57 6.32
CA ALA A 158 3.27 7.16 5.26
C ALA A 158 2.63 7.41 3.91
N LEU A 159 1.35 7.12 3.76
CA LEU A 159 0.68 7.30 2.49
C LEU A 159 0.50 8.78 2.18
N ASP A 160 0.06 9.55 3.16
CA ASP A 160 -0.01 10.99 2.89
C ASP A 160 1.34 11.52 2.46
N TYR A 161 2.42 11.04 3.10
CA TYR A 161 3.73 11.54 2.75
C TYR A 161 4.06 11.17 1.31
N CYS A 162 3.96 9.90 0.97
CA CYS A 162 4.32 9.50 -0.41
C CYS A 162 3.43 10.14 -1.46
N HIS A 163 2.14 10.24 -1.20
CA HIS A 163 1.26 10.92 -2.14
C HIS A 163 1.68 12.38 -2.29
N SER A 164 2.05 13.05 -1.19
CA SER A 164 2.47 14.44 -1.24
C SER A 164 3.74 14.56 -2.05
N LYS A 165 4.54 13.50 -2.13
CA LYS A 165 5.76 13.42 -2.88
C LYS A 165 5.52 12.93 -4.32
N GLY A 166 4.26 12.87 -4.70
CA GLY A 166 3.92 12.54 -6.06
C GLY A 166 4.00 11.08 -6.39
N ILE A 167 3.96 10.20 -5.41
CA ILE A 167 4.19 8.77 -5.60
C ILE A 167 3.03 7.91 -5.11
N MET A 168 2.63 6.98 -5.96
CA MET A 168 1.67 5.95 -5.64
C MET A 168 2.42 4.71 -5.26
N HIS A 169 2.06 4.08 -4.13
CA HIS A 169 2.76 2.85 -3.73
C HIS A 169 2.37 1.65 -4.60
N ARG A 170 1.09 1.44 -4.75
CA ARG A 170 0.52 0.47 -5.66
C ARG A 170 0.68 -0.98 -5.20
N ASP A 171 1.14 -1.21 -3.99
CA ASP A 171 1.19 -2.56 -3.44
C ASP A 171 0.99 -2.52 -1.93
N VAL A 172 0.01 -1.76 -1.47
CA VAL A 172 -0.26 -1.75 -0.06
C VAL A 172 -1.00 -3.02 0.33
N LYS A 173 -0.49 -3.72 1.34
CA LYS A 173 -1.03 -4.98 1.82
C LYS A 173 -0.32 -5.29 3.12
N PRO A 174 -0.87 -6.22 3.93
CA PRO A 174 -0.23 -6.51 5.23
C PRO A 174 1.23 -6.87 5.13
N HIS A 175 1.62 -7.68 4.14
CA HIS A 175 3.00 -8.07 4.03
C HIS A 175 3.94 -6.90 3.80
N ASN A 176 3.46 -5.80 3.22
CA ASN A 176 4.25 -4.61 2.99
C ASN A 176 4.13 -3.56 4.08
N VAL A 177 3.48 -3.87 5.17
CA VAL A 177 3.37 -2.98 6.30
C VAL A 177 4.00 -3.67 7.49
N MET A 178 5.30 -3.42 7.70
CA MET A 178 6.03 -4.07 8.77
C MET A 178 5.71 -3.39 10.09
N ILE A 179 5.34 -4.18 11.06
CA ILE A 179 4.95 -3.66 12.39
C ILE A 179 5.78 -4.37 13.43
N ASP A 180 6.54 -3.61 14.18
CA ASP A 180 7.18 -4.08 15.40
C ASP A 180 6.22 -3.75 16.53
N HIS A 181 5.54 -4.76 17.02
CA HIS A 181 4.47 -4.55 17.98
C HIS A 181 4.99 -4.35 19.40
N GLN A 182 6.26 -4.64 19.64
CA GLN A 182 6.84 -4.37 20.94
C GLN A 182 7.26 -2.91 21.04
N GLN A 183 7.94 -2.38 20.00
CA GLN A 183 8.38 -0.98 20.01
C GLN A 183 7.34 -0.04 19.42
N LYS A 184 6.26 -0.58 18.86
CA LYS A 184 5.21 0.24 18.22
C LYS A 184 5.76 1.06 17.07
N LYS A 185 6.46 0.38 16.17
CA LYS A 185 7.05 0.98 14.99
C LYS A 185 6.38 0.37 13.77
N LEU A 186 6.09 1.18 12.79
CA LEU A 186 5.48 0.73 11.55
C LEU A 186 6.29 1.30 10.39
N ARG A 187 6.55 0.47 9.37
CA ARG A 187 7.20 0.94 8.14
C ARG A 187 6.49 0.36 6.93
N LEU A 188 6.20 1.22 5.96
CA LEU A 188 5.74 0.84 4.65
C LEU A 188 6.90 0.48 3.76
N ILE A 189 6.97 -0.78 3.31
CA ILE A 189 8.09 -1.32 2.58
C ILE A 189 7.70 -1.66 1.15
N ASP A 190 8.69 -2.13 0.39
CA ASP A 190 8.56 -2.66 -0.93
C ASP A 190 7.95 -1.70 -1.92
N TRP A 191 8.77 -0.74 -2.32
CA TRP A 191 8.50 0.29 -3.27
C TRP A 191 8.76 -0.13 -4.71
N GLY A 192 8.93 -1.41 -4.99
CA GLY A 192 9.24 -1.82 -6.31
C GLY A 192 8.13 -1.74 -7.32
N LEU A 193 6.89 -1.55 -6.90
CA LEU A 193 5.78 -1.32 -7.83
C LEU A 193 5.35 0.13 -7.88
N ALA A 194 5.96 0.98 -7.06
CA ALA A 194 5.57 2.35 -6.94
C ALA A 194 5.89 3.16 -8.21
N GLU A 195 5.09 4.19 -8.43
CA GLU A 195 5.20 5.00 -9.62
C GLU A 195 4.87 6.43 -9.31
N PHE A 196 5.42 7.32 -10.12
CA PHE A 196 5.11 8.75 -10.07
C PHE A 196 3.76 9.02 -10.72
N TYR A 197 2.93 9.81 -10.06
CA TYR A 197 1.64 10.22 -10.57
C TYR A 197 1.77 11.45 -11.45
N HIS A 198 1.21 11.37 -12.66
CA HIS A 198 1.14 12.49 -13.57
C HIS A 198 -0.28 12.54 -14.10
N PRO A 199 -0.95 13.69 -14.06
CA PRO A 199 -2.35 13.72 -14.49
C PRO A 199 -2.52 13.19 -15.90
N ALA A 200 -3.57 12.40 -16.08
CA ALA A 200 -4.00 11.83 -17.35
C ALA A 200 -3.10 10.72 -17.83
N GLN A 201 -2.08 10.33 -17.07
CA GLN A 201 -1.23 9.24 -17.52
C GLN A 201 -1.98 7.93 -17.36
N GLU A 202 -1.79 7.03 -18.33
CA GLU A 202 -2.37 5.70 -18.24
C GLU A 202 -1.37 4.77 -17.60
N TYR A 203 -1.77 4.08 -16.56
CA TYR A 203 -0.90 3.21 -15.79
C TYR A 203 -1.30 1.76 -15.98
N ASN A 204 -0.34 0.88 -15.79
CA ASN A 204 -0.57 -0.55 -15.87
C ASN A 204 -1.48 -0.97 -14.73
N VAL A 205 -2.53 -1.72 -15.04
CA VAL A 205 -3.46 -2.16 -14.01
C VAL A 205 -2.99 -3.43 -13.32
N ARG A 206 -1.91 -4.04 -13.78
CA ARG A 206 -1.39 -5.26 -13.16
C ARG A 206 -0.43 -4.89 -12.03
N VAL A 207 -1.00 -4.26 -11.03
CA VAL A 207 -0.31 -3.88 -9.80
C VAL A 207 -1.17 -4.35 -8.63
N ALA A 208 -0.57 -4.34 -7.46
CA ALA A 208 -1.18 -4.76 -6.21
C ALA A 208 -1.49 -6.25 -6.11
N SER A 209 -1.55 -6.78 -4.90
CA SER A 209 -1.98 -8.13 -4.68
C SER A 209 -3.46 -8.21 -4.99
N ARG A 210 -3.89 -9.36 -5.54
CA ARG A 210 -5.29 -9.54 -5.85
C ARG A 210 -6.24 -8.98 -4.83
N TYR A 211 -6.05 -9.33 -3.57
CA TYR A 211 -7.02 -9.00 -2.55
C TYR A 211 -7.11 -7.55 -2.23
N PHE A 212 -6.15 -6.78 -2.70
CA PHE A 212 -5.98 -5.36 -2.40
C PHE A 212 -6.16 -4.48 -3.63
N LYS A 213 -6.47 -5.08 -4.76
CA LYS A 213 -6.65 -4.33 -5.99
C LYS A 213 -7.94 -3.54 -5.90
N GLY A 214 -7.90 -2.28 -6.24
CA GLY A 214 -9.09 -1.50 -6.30
C GLY A 214 -9.92 -1.87 -7.49
N PRO A 215 -11.22 -1.55 -7.42
CA PRO A 215 -12.11 -1.86 -8.55
C PRO A 215 -11.63 -1.27 -9.84
N GLU A 216 -10.98 -0.13 -9.84
CA GLU A 216 -10.46 0.47 -11.03
C GLU A 216 -9.52 -0.47 -11.74
N LEU A 217 -8.68 -1.18 -10.98
CA LEU A 217 -7.76 -2.11 -11.61
C LEU A 217 -8.51 -3.28 -12.22
N LEU A 218 -9.51 -3.78 -11.52
CA LEU A 218 -10.24 -4.97 -11.89
C LEU A 218 -11.09 -4.75 -13.12
N VAL A 219 -11.49 -3.50 -13.38
CA VAL A 219 -12.23 -3.14 -14.57
C VAL A 219 -11.36 -2.47 -15.62
N ASP A 220 -10.04 -2.57 -15.47
CA ASP A 220 -9.07 -2.12 -16.48
C ASP A 220 -9.15 -0.62 -16.77
N TYR A 221 -9.37 0.15 -15.73
CA TYR A 221 -9.34 1.61 -15.81
C TYR A 221 -7.92 2.08 -15.49
N GLN A 222 -7.23 2.63 -16.50
CA GLN A 222 -5.82 2.94 -16.41
C GLN A 222 -5.51 4.33 -15.86
N MET A 223 -6.50 5.20 -15.80
CA MET A 223 -6.25 6.58 -15.33
C MET A 223 -6.53 6.69 -13.82
N TYR A 224 -5.91 5.82 -13.06
CA TYR A 224 -6.01 5.80 -11.63
C TYR A 224 -4.97 6.73 -11.00
N ASP A 225 -5.04 6.86 -9.69
CA ASP A 225 -4.22 7.83 -8.97
C ASP A 225 -3.91 7.30 -7.57
N TYR A 226 -3.46 8.21 -6.69
CA TYR A 226 -3.13 7.89 -5.31
C TYR A 226 -4.27 7.13 -4.63
N SER A 227 -5.51 7.42 -5.02
CA SER A 227 -6.64 6.79 -4.36
C SER A 227 -6.68 5.29 -4.46
N LEU A 228 -5.90 4.69 -5.38
CA LEU A 228 -5.77 3.25 -5.39
C LEU A 228 -5.26 2.77 -4.04
N ASP A 229 -4.26 3.45 -3.48
CA ASP A 229 -3.67 3.06 -2.21
C ASP A 229 -4.70 3.15 -1.07
N MET A 230 -5.64 4.06 -1.19
CA MET A 230 -6.65 4.22 -0.19
C MET A 230 -7.69 3.10 -0.21
N TRP A 231 -7.98 2.53 -1.38
CA TRP A 231 -8.75 1.32 -1.42
C TRP A 231 -8.01 0.23 -0.66
N SER A 232 -6.76 0.02 -0.99
CA SER A 232 -6.02 -1.04 -0.32
C SER A 232 -5.97 -0.86 1.18
N LEU A 233 -5.78 0.38 1.64
CA LEU A 233 -5.82 0.69 3.05
C LEU A 233 -7.18 0.36 3.63
N GLY A 234 -8.26 0.75 2.95
CA GLY A 234 -9.56 0.35 3.40
C GLY A 234 -9.73 -1.13 3.57
N CYS A 235 -9.18 -1.93 2.63
CA CYS A 235 -9.26 -3.38 2.77
C CYS A 235 -8.56 -3.85 4.03
N MET A 236 -7.41 -3.26 4.34
CA MET A 236 -6.67 -3.57 5.55
C MET A 236 -7.47 -3.19 6.79
N LEU A 237 -8.07 -2.02 6.81
CA LEU A 237 -8.90 -1.58 7.92
C LEU A 237 -10.01 -2.57 8.16
N ALA A 238 -10.73 -2.95 7.09
CA ALA A 238 -11.79 -3.90 7.19
C ALA A 238 -11.33 -5.22 7.81
N SER A 239 -10.18 -5.72 7.32
CA SER A 239 -9.68 -6.98 7.84
C SER A 239 -9.34 -6.92 9.29
N MET A 240 -8.89 -5.79 9.75
CA MET A 240 -8.50 -5.61 11.15
C MET A 240 -9.73 -5.47 12.06
N ILE A 241 -10.65 -4.59 11.72
CA ILE A 241 -11.76 -4.38 12.61
C ILE A 241 -12.75 -5.55 12.59
N PHE A 242 -12.82 -6.28 11.48
CA PHE A 242 -13.75 -7.40 11.36
C PHE A 242 -13.11 -8.74 11.58
N ARG A 243 -11.78 -8.81 11.56
CA ARG A 243 -11.06 -10.07 11.75
C ARG A 243 -11.38 -11.04 10.62
N ARG A 244 -11.42 -10.56 9.41
CA ARG A 244 -11.52 -11.38 8.21
C ARG A 244 -10.40 -10.94 7.30
N GLU A 245 -9.35 -11.79 7.17
CA GLU A 245 -8.10 -11.39 6.52
C GLU A 245 -7.75 -12.45 5.48
N PRO A 246 -7.65 -12.11 4.20
CA PRO A 246 -8.00 -10.82 3.63
C PRO A 246 -9.52 -10.63 3.63
N PHE A 247 -9.97 -9.39 3.55
CA PHE A 247 -11.37 -9.10 3.64
C PHE A 247 -12.13 -9.51 2.41
N PHE A 248 -11.63 -9.24 1.24
CA PHE A 248 -12.22 -9.63 -0.04
C PHE A 248 -11.32 -10.69 -0.68
N HIS A 249 -11.71 -11.94 -0.56
CA HIS A 249 -10.87 -13.07 -0.89
C HIS A 249 -11.21 -13.72 -2.22
N GLY A 250 -10.90 -13.02 -3.31
CA GLY A 250 -11.18 -13.54 -4.62
C GLY A 250 -10.29 -14.71 -4.96
N GLN A 251 -10.81 -15.55 -5.84
CA GLN A 251 -10.05 -16.69 -6.34
C GLN A 251 -9.28 -16.37 -7.61
N ASP A 252 -9.58 -15.27 -8.26
CA ASP A 252 -8.91 -14.76 -9.45
C ASP A 252 -9.37 -13.32 -9.58
N ASN A 253 -8.87 -12.61 -10.59
CA ASN A 253 -9.16 -11.19 -10.67
C ASN A 253 -10.62 -10.94 -11.01
N TYR A 254 -11.29 -11.88 -11.68
CA TYR A 254 -12.70 -11.71 -11.97
C TYR A 254 -13.53 -11.92 -10.71
N ASP A 255 -13.27 -13.01 -9.99
CA ASP A 255 -13.97 -13.28 -8.76
C ASP A 255 -13.71 -12.19 -7.72
N GLN A 256 -12.54 -11.55 -7.76
CA GLN A 256 -12.28 -10.49 -6.83
C GLN A 256 -13.30 -9.39 -6.96
N LEU A 257 -13.65 -9.02 -8.18
CA LEU A 257 -14.65 -7.96 -8.33
C LEU A 257 -16.01 -8.44 -7.86
N VAL A 258 -16.33 -9.70 -8.08
CA VAL A 258 -17.58 -10.27 -7.58
C VAL A 258 -17.63 -10.16 -6.05
N ARG A 259 -16.52 -10.46 -5.37
CA ARG A 259 -16.53 -10.37 -3.93
C ARG A 259 -16.80 -8.96 -3.46
N ILE A 260 -16.22 -7.98 -4.14
CA ILE A 260 -16.46 -6.59 -3.81
C ILE A 260 -17.92 -6.24 -4.04
N ALA A 261 -18.46 -6.63 -5.20
CA ALA A 261 -19.81 -6.27 -5.57
C ALA A 261 -20.84 -6.89 -4.64
N LYS A 262 -20.54 -8.06 -4.08
CA LYS A 262 -21.47 -8.66 -3.14
C LYS A 262 -21.59 -7.87 -1.84
N VAL A 263 -20.65 -6.94 -1.59
CA VAL A 263 -20.71 -6.07 -0.43
C VAL A 263 -21.19 -4.68 -0.82
N LEU A 264 -20.54 -4.08 -1.82
CA LEU A 264 -20.85 -2.70 -2.23
C LEU A 264 -22.06 -2.58 -3.14
N GLY A 265 -22.51 -3.66 -3.75
CA GLY A 265 -23.66 -3.68 -4.61
C GLY A 265 -23.31 -3.57 -6.09
N THR A 266 -24.16 -4.17 -6.91
CA THR A 266 -23.92 -4.13 -8.36
C THR A 266 -24.43 -2.84 -8.99
N GLU A 267 -25.56 -2.31 -8.53
CA GLU A 267 -26.02 -1.06 -9.12
C GLU A 267 -25.02 0.06 -8.88
N GLU A 268 -24.39 0.06 -7.73
CA GLU A 268 -23.38 1.06 -7.41
C GLU A 268 -22.15 0.89 -8.30
N LEU A 269 -21.80 -0.36 -8.62
CA LEU A 269 -20.74 -0.62 -9.59
C LEU A 269 -21.09 -0.04 -10.95
N TYR A 270 -22.29 -0.31 -11.44
CA TYR A 270 -22.62 0.16 -12.77
C TYR A 270 -22.65 1.68 -12.83
N GLY A 271 -23.04 2.35 -11.74
CA GLY A 271 -23.00 3.80 -11.74
C GLY A 271 -21.60 4.36 -11.83
N TYR A 272 -20.64 3.69 -11.20
CA TYR A 272 -19.25 4.06 -11.29
C TYR A 272 -18.76 3.88 -12.72
N LEU A 273 -19.05 2.74 -13.32
CA LEU A 273 -18.59 2.50 -14.68
C LEU A 273 -19.15 3.53 -15.62
N LYS A 274 -20.41 3.88 -15.45
CA LYS A 274 -21.03 4.85 -16.34
C LYS A 274 -20.39 6.21 -16.20
N LYS A 275 -20.11 6.63 -14.96
CA LYS A 275 -19.53 7.95 -14.72
C LYS A 275 -18.23 8.12 -15.48
N TYR A 276 -17.39 7.08 -15.49
CA TYR A 276 -16.06 7.18 -16.07
C TYR A 276 -15.98 6.54 -17.44
N HIS A 277 -17.11 6.15 -17.99
CA HIS A 277 -17.16 5.56 -19.32
C HIS A 277 -16.29 4.33 -19.43
N ILE A 278 -16.39 3.47 -18.42
CA ILE A 278 -15.53 2.30 -18.34
C ILE A 278 -16.20 1.14 -19.02
N ASP A 279 -15.43 0.45 -19.87
CA ASP A 279 -15.88 -0.76 -20.56
C ASP A 279 -15.64 -1.94 -19.64
N LEU A 280 -16.67 -2.73 -19.43
CA LEU A 280 -16.60 -3.92 -18.58
C LEU A 280 -16.37 -5.15 -19.44
N ASP A 281 -15.26 -5.85 -19.17
CA ASP A 281 -14.96 -7.11 -19.85
C ASP A 281 -16.18 -8.02 -19.79
N PRO A 282 -16.63 -8.57 -20.92
CA PRO A 282 -17.92 -9.31 -20.90
C PRO A 282 -17.86 -10.64 -20.17
N HIS A 283 -16.68 -11.14 -19.82
CA HIS A 283 -16.64 -12.32 -18.97
C HIS A 283 -17.32 -12.07 -17.64
N PHE A 284 -17.41 -10.81 -17.19
CA PHE A 284 -18.12 -10.52 -15.96
C PHE A 284 -19.61 -10.77 -16.07
N ASN A 285 -20.16 -10.78 -17.28
CA ASN A 285 -21.60 -10.93 -17.43
C ASN A 285 -22.09 -12.25 -16.86
N ASP A 286 -21.26 -13.29 -16.88
CA ASP A 286 -21.69 -14.61 -16.39
C ASP A 286 -21.59 -14.74 -14.87
N ILE A 287 -20.89 -13.83 -14.19
CA ILE A 287 -20.52 -14.08 -12.80
C ILE A 287 -20.94 -13.00 -11.83
N LEU A 288 -21.25 -11.75 -12.25
CA LEU A 288 -21.51 -10.70 -11.27
C LEU A 288 -22.83 -10.89 -10.53
N GLY A 289 -23.86 -11.33 -11.23
CA GLY A 289 -25.17 -11.45 -10.60
C GLY A 289 -25.73 -10.09 -10.27
N GLN A 290 -26.67 -10.06 -9.33
CA GLN A 290 -27.25 -8.81 -8.84
C GLN A 290 -27.19 -8.85 -7.33
N HIS A 291 -26.68 -7.79 -6.72
CA HIS A 291 -26.40 -7.76 -5.29
C HIS A 291 -26.76 -6.39 -4.77
N SER A 292 -27.51 -6.37 -3.68
N SER A 292 -27.50 -6.36 -3.69
CA SER A 292 -27.77 -5.13 -2.98
CA SER A 292 -27.77 -5.12 -3.00
C SER A 292 -26.53 -4.69 -2.23
C SER A 292 -26.51 -4.69 -2.25
N ARG A 293 -26.41 -3.38 -2.03
CA ARG A 293 -25.39 -2.86 -1.11
C ARG A 293 -25.67 -3.37 0.29
N LYS A 294 -24.64 -3.88 0.99
CA LYS A 294 -24.81 -4.39 2.33
C LYS A 294 -24.44 -3.34 3.38
N ARG A 295 -25.12 -3.38 4.49
CA ARG A 295 -24.74 -2.51 5.59
C ARG A 295 -23.47 -3.05 6.25
N TRP A 296 -22.55 -2.17 6.59
CA TRP A 296 -21.30 -2.62 7.20
C TRP A 296 -21.54 -3.31 8.55
N GLU A 297 -22.62 -2.95 9.23
CA GLU A 297 -22.92 -3.58 10.50
C GLU A 297 -23.15 -5.09 10.36
N ASN A 298 -23.41 -5.56 9.12
CA ASN A 298 -23.65 -6.97 8.91
C ASN A 298 -22.40 -7.80 9.20
N PHE A 299 -21.23 -7.18 9.25
CA PHE A 299 -20.00 -7.93 9.49
C PHE A 299 -19.65 -8.02 10.96
N ILE A 300 -20.44 -7.43 11.86
CA ILE A 300 -20.17 -7.47 13.28
C ILE A 300 -20.70 -8.75 13.88
N HIS A 301 -19.91 -9.36 14.74
CA HIS A 301 -20.36 -10.46 15.59
C HIS A 301 -19.51 -10.49 16.87
N SER A 302 -19.76 -11.50 17.70
CA SER A 302 -19.18 -11.46 19.05
C SER A 302 -17.66 -11.39 19.00
N GLU A 303 -17.04 -11.97 17.98
CA GLU A 303 -15.58 -12.04 17.96
C GLU A 303 -14.91 -10.75 17.57
N ASN A 304 -15.63 -9.81 16.96
CA ASN A 304 -15.03 -8.57 16.52
C ASN A 304 -15.73 -7.33 17.07
N ARG A 305 -16.76 -7.49 17.90
CA ARG A 305 -17.58 -6.35 18.27
C ARG A 305 -16.77 -5.27 18.98
N HIS A 306 -15.78 -5.67 19.79
CA HIS A 306 -14.96 -4.75 20.53
C HIS A 306 -14.05 -3.90 19.66
N LEU A 307 -13.84 -4.28 18.39
CA LEU A 307 -13.03 -3.53 17.46
C LEU A 307 -13.82 -2.60 16.58
N VAL A 308 -15.13 -2.68 16.60
CA VAL A 308 -16.02 -1.95 15.70
C VAL A 308 -16.76 -0.87 16.48
N SER A 309 -16.82 0.30 15.91
CA SER A 309 -17.51 1.44 16.47
C SER A 309 -18.21 2.20 15.37
N PRO A 310 -19.14 3.09 15.68
CA PRO A 310 -19.72 3.90 14.61
C PRO A 310 -18.68 4.64 13.82
N GLU A 311 -17.68 5.17 14.50
N GLU A 311 -17.65 5.13 14.49
CA GLU A 311 -16.62 5.92 13.84
CA GLU A 311 -16.65 5.93 13.80
C GLU A 311 -15.89 5.01 12.86
C GLU A 311 -15.78 5.06 12.90
N ALA A 312 -15.53 3.80 13.28
CA ALA A 312 -14.79 2.92 12.42
C ALA A 312 -15.58 2.66 11.14
N LEU A 313 -16.90 2.44 11.28
CA LEU A 313 -17.71 2.09 10.12
C LEU A 313 -17.90 3.26 9.19
N ASP A 314 -18.03 4.45 9.76
CA ASP A 314 -18.11 5.66 8.94
C ASP A 314 -16.84 5.83 8.12
N LEU A 315 -15.69 5.68 8.75
CA LEU A 315 -14.42 5.80 8.03
C LEU A 315 -14.34 4.74 6.93
N LEU A 316 -14.64 3.48 7.28
CA LEU A 316 -14.51 2.42 6.31
C LEU A 316 -15.41 2.67 5.11
N ASP A 317 -16.63 3.13 5.37
CA ASP A 317 -17.60 3.36 4.32
C ASP A 317 -17.10 4.42 3.33
N LYS A 318 -16.27 5.38 3.79
CA LYS A 318 -15.70 6.45 3.00
C LYS A 318 -14.43 6.03 2.29
N LEU A 319 -13.84 4.89 2.61
CA LEU A 319 -12.68 4.34 1.94
C LEU A 319 -13.02 3.33 0.87
N LEU A 320 -13.86 2.36 1.22
CA LEU A 320 -14.24 1.28 0.32
C LEU A 320 -15.45 1.74 -0.48
N ARG A 321 -15.17 2.65 -1.40
CA ARG A 321 -16.12 3.13 -2.38
C ARG A 321 -15.61 2.84 -3.77
N TYR A 322 -16.50 2.50 -4.68
CA TYR A 322 -16.06 2.28 -6.04
C TYR A 322 -15.38 3.49 -6.63
N ASP A 323 -16.01 4.64 -6.47
CA ASP A 323 -15.56 5.86 -7.12
C ASP A 323 -14.29 6.37 -6.49
N HIS A 324 -13.17 6.19 -7.19
CA HIS A 324 -11.87 6.53 -6.66
C HIS A 324 -11.77 8.02 -6.32
N GLN A 325 -12.55 8.87 -6.98
CA GLN A 325 -12.51 10.26 -6.65
C GLN A 325 -13.28 10.59 -5.39
N GLN A 326 -14.13 9.69 -4.94
CA GLN A 326 -14.92 9.98 -3.74
C GLN A 326 -14.32 9.37 -2.47
N ARG A 327 -13.35 8.51 -2.60
CA ARG A 327 -12.70 7.96 -1.44
C ARG A 327 -11.97 9.05 -0.69
N LEU A 328 -11.86 8.94 0.62
CA LEU A 328 -11.04 9.89 1.37
C LEU A 328 -9.59 9.83 0.91
N THR A 329 -8.96 11.00 0.89
CA THR A 329 -7.54 11.08 0.80
C THR A 329 -6.93 10.58 2.10
N ALA A 330 -5.61 10.28 2.04
CA ALA A 330 -4.96 9.84 3.27
C ALA A 330 -5.10 10.90 4.36
N LYS A 331 -4.98 12.18 3.99
CA LYS A 331 -5.13 13.25 4.97
C LYS A 331 -6.54 13.31 5.54
N GLU A 332 -7.54 13.28 4.67
CA GLU A 332 -8.92 13.27 5.15
C GLU A 332 -9.19 12.09 6.07
N ALA A 333 -8.62 10.96 5.76
CA ALA A 333 -8.78 9.82 6.63
C ALA A 333 -8.13 10.07 7.98
N MET A 334 -6.84 10.47 7.94
N MET A 334 -6.94 10.67 8.02
CA MET A 334 -6.11 10.81 9.16
CA MET A 334 -6.29 10.92 9.32
C MET A 334 -6.88 11.79 9.99
C MET A 334 -7.15 11.81 10.21
N GLU A 335 -7.76 12.59 9.35
N GLU A 335 -7.74 12.85 9.64
CA GLU A 335 -8.50 13.65 10.03
CA GLU A 335 -8.57 13.78 10.38
C GLU A 335 -9.80 13.19 10.69
C GLU A 335 -9.95 13.24 10.72
N HIS A 336 -10.23 11.97 10.38
CA HIS A 336 -11.52 11.42 10.77
C HIS A 336 -11.59 11.22 12.30
N PRO A 337 -12.78 11.40 12.89
CA PRO A 337 -12.91 11.12 14.32
C PRO A 337 -12.39 9.78 14.82
N TYR A 338 -12.37 8.76 13.97
CA TYR A 338 -11.87 7.45 14.40
C TYR A 338 -10.49 7.59 15.03
N PHE A 339 -9.70 8.53 14.54
CA PHE A 339 -8.32 8.68 15.03
C PHE A 339 -8.18 9.69 16.15
N TYR A 340 -9.25 10.36 16.55
CA TYR A 340 -9.10 11.31 17.64
C TYR A 340 -8.43 10.73 18.87
N PRO A 341 -8.74 9.52 19.34
CA PRO A 341 -8.02 9.01 20.51
C PRO A 341 -6.52 8.89 20.31
N VAL A 342 -6.09 8.67 19.06
CA VAL A 342 -4.67 8.55 18.78
C VAL A 342 -4.01 9.91 18.82
N VAL A 343 -4.66 10.91 18.21
CA VAL A 343 -4.15 12.26 18.20
C VAL A 343 -4.04 12.80 19.62
N LYS A 344 -5.06 12.54 20.45
CA LYS A 344 -5.03 13.01 21.83
C LYS A 344 -3.86 12.42 22.60
N GLU A 345 -3.51 11.15 22.34
CA GLU A 345 -2.35 10.55 23.00
C GLU A 345 -1.03 11.13 22.48
N GLN A 346 -0.95 11.45 21.20
CA GLN A 346 0.29 11.94 20.60
C GLN A 346 0.43 13.45 20.81
#